data_9NSR
#
_entry.id   9NSR
#
_cell.length_a   70.689
_cell.length_b   70.689
_cell.length_c   203.818
_cell.angle_alpha   90.00
_cell.angle_beta   90.00
_cell.angle_gamma   90.00
#
_symmetry.space_group_name_H-M   'P 42 21 2'
#
loop_
_entity.id
_entity.type
_entity.pdbx_description
1 polymer 'Bifunctional farnesyl/geranylgeranyl diphosphate synthase'
2 non-polymer N-[3-(azepan-1-yl)propyl]-5-methyl-4-oxo-4,5-dihydrothieno[3,2-c]quinoline-2-carboxamide
#
_entity_poly.entity_id   1
_entity_poly.type   'polypeptide(L)'
_entity_poly.pdbx_seq_one_letter_code
;GPMENEQNNQDSENGLDYFRSMYDRYRDVFINHINDYVLEDDIKIIISKYYKLLFDYNCLGGKNNRGILVILIYEYVKNR
DINCNEWEKVACIAWCIEILQASFLVADDIMDKGETRRNKHCWYLLKDVEIKNAVNDVFLLYNAIYKLLDVYLRNDNCYL
DLITSFREATLKTIVGQHLDTNIFSDKYSHIDKDIDVNNINISQENKININMLNFKVYQNIIIHKTAYYSFFLPIVCGMQ
MGGISLDNLLYKKVENIAILMGEYFQVHDDYIDTFGDSKKTGKVGSDIQNNKLTWPLIKAFELCSQPEKEDIIRNYGKDN
VTCIKFINDIYEHYNIRDHYVEYEKKQKMKILEAINQLHHEGIEYVLKYVMDILFTGA
;
_entity_poly.pdbx_strand_id   A
#
loop_
_chem_comp.id
_chem_comp.type
_chem_comp.name
_chem_comp.formula
A1B0W non-polymer N-[3-(azepan-1-yl)propyl]-5-methyl-4-oxo-4,5-dihydrothieno[3,2-c]quinoline-2-carboxamide 'C22 H27 N3 O2 S'
#
# COMPACT_ATOMS: atom_id res chain seq x y z
N ASP A 17 -13.72 -17.24 -8.08
CA ASP A 17 -12.67 -16.23 -8.12
C ASP A 17 -11.66 -16.52 -9.22
N TYR A 18 -12.02 -16.16 -10.45
CA TYR A 18 -11.19 -16.43 -11.63
C TYR A 18 -10.28 -15.24 -11.93
N PHE A 19 -9.51 -14.86 -10.91
CA PHE A 19 -8.68 -13.67 -10.93
C PHE A 19 -7.24 -13.95 -11.34
N ARG A 20 -6.59 -14.94 -10.72
CA ARG A 20 -5.19 -15.22 -11.02
C ARG A 20 -5.01 -15.65 -12.47
N SER A 21 -5.92 -16.47 -12.99
CA SER A 21 -5.79 -16.97 -14.35
C SER A 21 -5.73 -15.84 -15.37
N MET A 22 -6.36 -14.71 -15.06
CA MET A 22 -6.37 -13.57 -15.98
C MET A 22 -5.01 -12.88 -16.03
N TYR A 23 -4.17 -13.06 -15.02
CA TYR A 23 -2.91 -12.33 -14.93
C TYR A 23 -2.17 -12.32 -16.25
N ASP A 24 -1.83 -13.51 -16.77
CA ASP A 24 -1.07 -13.59 -18.01
C ASP A 24 -1.70 -12.74 -19.09
N ARG A 25 -3.01 -12.89 -19.28
CA ARG A 25 -3.70 -12.19 -20.36
C ARG A 25 -3.42 -10.70 -20.35
N TYR A 26 -3.26 -10.13 -19.16
CA TYR A 26 -2.93 -8.71 -19.07
C TYR A 26 -1.44 -8.48 -19.26
N ARG A 27 -0.61 -9.22 -18.51
CA ARG A 27 0.83 -9.00 -18.59
C ARG A 27 1.32 -9.11 -20.02
N ASP A 28 1.02 -10.26 -20.65
CA ASP A 28 1.44 -10.45 -22.04
C ASP A 28 0.99 -9.27 -22.89
N VAL A 29 -0.26 -8.82 -22.70
CA VAL A 29 -0.78 -7.73 -23.53
C VAL A 29 0.15 -6.53 -23.44
N PHE A 30 0.51 -6.12 -22.22
CA PHE A 30 1.39 -4.98 -22.08
C PHE A 30 2.70 -5.24 -22.80
N ILE A 31 3.29 -6.42 -22.59
CA ILE A 31 4.55 -6.73 -23.26
C ILE A 31 4.35 -6.71 -24.77
N ASN A 32 3.18 -7.16 -25.24
CA ASN A 32 2.90 -7.12 -26.68
C ASN A 32 2.98 -5.69 -27.18
N HIS A 33 2.44 -4.73 -26.43
CA HIS A 33 2.58 -3.34 -26.83
C HIS A 33 4.04 -2.96 -27.00
N ILE A 34 4.89 -3.41 -26.07
CA ILE A 34 6.31 -3.14 -26.20
C ILE A 34 6.89 -3.92 -27.36
N ASN A 35 6.34 -5.11 -27.66
CA ASN A 35 6.82 -5.88 -28.81
C ASN A 35 6.55 -5.14 -30.11
N ASP A 36 5.41 -4.44 -30.18
CA ASP A 36 5.06 -3.69 -31.39
C ASP A 36 6.01 -2.54 -31.66
N TYR A 37 6.82 -2.13 -30.67
CA TYR A 37 7.79 -1.07 -30.89
C TYR A 37 8.70 -1.41 -32.06
N VAL A 38 9.34 -0.38 -32.60
CA VAL A 38 10.22 -0.54 -33.75
C VAL A 38 11.61 -0.93 -33.25
N LEU A 39 11.82 -2.23 -33.07
CA LEU A 39 13.07 -2.75 -32.54
C LEU A 39 13.46 -3.99 -33.33
N GLU A 40 14.70 -4.43 -33.11
CA GLU A 40 15.16 -5.67 -33.70
C GLU A 40 14.68 -6.86 -32.88
N ASP A 41 14.52 -8.00 -33.55
CA ASP A 41 13.92 -9.16 -32.89
C ASP A 41 14.70 -9.57 -31.65
N ASP A 42 16.03 -9.47 -31.69
CA ASP A 42 16.84 -9.85 -30.54
C ASP A 42 16.55 -8.96 -29.35
N ILE A 43 16.56 -7.64 -29.54
CA ILE A 43 16.24 -6.73 -28.46
C ILE A 43 14.82 -6.99 -27.96
N LYS A 44 13.90 -7.27 -28.88
CA LYS A 44 12.53 -7.58 -28.47
C LYS A 44 12.50 -8.78 -27.54
N ILE A 45 13.21 -9.84 -27.90
CA ILE A 45 13.25 -11.04 -27.08
C ILE A 45 13.80 -10.72 -25.70
N ILE A 46 14.92 -9.98 -25.65
CA ILE A 46 15.56 -9.73 -24.37
C ILE A 46 14.66 -8.88 -23.47
N ILE A 47 14.08 -7.81 -24.01
CA ILE A 47 13.24 -6.95 -23.19
C ILE A 47 11.98 -7.68 -22.75
N SER A 48 11.40 -8.50 -23.63
CA SER A 48 10.24 -9.28 -23.24
C SER A 48 10.57 -10.21 -22.08
N LYS A 49 11.70 -10.91 -22.17
CA LYS A 49 12.13 -11.75 -21.06
C LYS A 49 12.25 -10.93 -19.78
N TYR A 50 12.95 -9.80 -19.85
CA TYR A 50 13.23 -9.02 -18.65
C TYR A 50 11.95 -8.50 -18.01
N TYR A 51 11.04 -7.94 -18.82
CA TYR A 51 9.83 -7.36 -18.26
C TYR A 51 8.86 -8.43 -17.79
N LYS A 52 8.80 -9.58 -18.49
CA LYS A 52 8.02 -10.69 -17.98
C LYS A 52 8.54 -11.12 -16.60
N LEU A 53 9.86 -11.19 -16.46
CA LEU A 53 10.44 -11.52 -15.16
C LEU A 53 10.06 -10.49 -14.12
N LEU A 54 10.17 -9.20 -14.47
CA LEU A 54 9.80 -8.15 -13.54
C LEU A 54 8.38 -8.33 -13.03
N PHE A 55 7.43 -8.48 -13.96
CA PHE A 55 6.03 -8.62 -13.57
C PHE A 55 5.81 -9.86 -12.73
N ASP A 56 6.32 -11.01 -13.18
CA ASP A 56 6.12 -12.25 -12.45
C ASP A 56 6.81 -12.25 -11.10
N TYR A 57 7.83 -11.42 -10.92
CA TYR A 57 8.59 -11.39 -9.68
C TYR A 57 7.97 -10.48 -8.64
N ASN A 58 7.60 -9.26 -9.04
CA ASN A 58 7.12 -8.26 -8.09
C ASN A 58 5.61 -8.19 -7.97
N CYS A 59 4.86 -8.80 -8.89
CA CYS A 59 3.40 -8.79 -8.82
C CYS A 59 2.82 -10.15 -8.44
N LEU A 60 3.65 -11.13 -8.12
CA LEU A 60 3.19 -12.46 -7.74
C LEU A 60 3.84 -12.87 -6.43
N GLY A 61 3.17 -13.78 -5.73
CA GLY A 61 3.62 -14.27 -4.44
C GLY A 61 2.91 -13.63 -3.25
N GLY A 62 2.24 -12.49 -3.46
CA GLY A 62 1.51 -11.84 -2.41
C GLY A 62 0.09 -12.38 -2.30
N LYS A 63 -0.64 -11.83 -1.33
CA LYS A 63 -2.02 -12.24 -1.11
C LYS A 63 -3.00 -11.56 -2.06
N ASN A 64 -2.56 -10.53 -2.77
CA ASN A 64 -3.40 -9.82 -3.74
C ASN A 64 -4.71 -9.35 -3.10
N ASN A 65 -4.59 -8.76 -1.91
CA ASN A 65 -5.79 -8.34 -1.18
C ASN A 65 -6.54 -7.24 -1.93
N ARG A 66 -5.82 -6.25 -2.48
CA ARG A 66 -6.49 -5.10 -3.09
C ARG A 66 -7.34 -5.54 -4.28
N GLY A 67 -6.76 -6.31 -5.19
CA GLY A 67 -7.51 -6.73 -6.37
C GLY A 67 -8.72 -7.57 -6.01
N ILE A 68 -8.56 -8.48 -5.05
CA ILE A 68 -9.67 -9.30 -4.60
C ILE A 68 -10.77 -8.41 -4.01
N LEU A 69 -10.38 -7.38 -3.27
CA LEU A 69 -11.36 -6.44 -2.75
C LEU A 69 -12.14 -5.79 -3.88
N VAL A 70 -11.41 -5.35 -4.92
CA VAL A 70 -12.07 -4.75 -6.07
C VAL A 70 -13.11 -5.70 -6.64
N ILE A 71 -12.69 -6.95 -6.86
CA ILE A 71 -13.55 -7.91 -7.53
C ILE A 71 -14.80 -8.19 -6.69
N LEU A 72 -14.60 -8.42 -5.40
CA LEU A 72 -15.72 -8.73 -4.52
C LEU A 72 -16.70 -7.56 -4.48
N ILE A 73 -16.19 -6.34 -4.34
CA ILE A 73 -17.08 -5.18 -4.25
C ILE A 73 -17.86 -5.01 -5.54
N TYR A 74 -17.19 -5.16 -6.69
CA TYR A 74 -17.92 -5.06 -7.95
C TYR A 74 -19.00 -6.12 -8.06
N GLU A 75 -18.68 -7.36 -7.68
CA GLU A 75 -19.65 -8.43 -7.79
C GLU A 75 -20.86 -8.17 -6.91
N TYR A 76 -20.62 -7.70 -5.69
CA TYR A 76 -21.72 -7.53 -4.74
C TYR A 76 -22.56 -6.30 -5.04
N VAL A 77 -21.97 -5.24 -5.59
CA VAL A 77 -22.77 -4.09 -6.00
C VAL A 77 -23.60 -4.38 -7.24
N LYS A 78 -23.30 -5.46 -7.95
CA LYS A 78 -24.07 -5.85 -9.13
C LYS A 78 -25.14 -6.87 -8.77
N ASP A 81 -24.89 -11.90 -11.43
CA ASP A 81 -25.10 -12.02 -12.87
C ASP A 81 -24.29 -10.98 -13.62
N ILE A 82 -23.10 -11.38 -14.07
CA ILE A 82 -22.15 -10.47 -14.72
C ILE A 82 -21.59 -11.16 -15.96
N ASN A 83 -21.46 -10.41 -17.05
CA ASN A 83 -21.01 -10.97 -18.32
C ASN A 83 -19.48 -10.97 -18.40
N CYS A 84 -18.97 -11.40 -19.55
CA CYS A 84 -17.53 -11.62 -19.70
C CYS A 84 -16.74 -10.32 -19.81
N ASN A 85 -17.26 -9.34 -20.55
CA ASN A 85 -16.54 -8.08 -20.69
C ASN A 85 -16.38 -7.38 -19.35
N GLU A 86 -17.45 -7.39 -18.53
CA GLU A 86 -17.36 -6.81 -17.20
C GLU A 86 -16.31 -7.52 -16.35
N TRP A 87 -16.28 -8.85 -16.40
CA TRP A 87 -15.27 -9.59 -15.65
C TRP A 87 -13.87 -9.24 -16.12
N GLU A 88 -13.68 -9.13 -17.44
CA GLU A 88 -12.38 -8.77 -17.97
C GLU A 88 -11.95 -7.40 -17.47
N LYS A 89 -12.85 -6.41 -17.53
CA LYS A 89 -12.51 -5.07 -17.06
C LYS A 89 -12.18 -5.08 -15.57
N VAL A 90 -12.97 -5.80 -14.78
CA VAL A 90 -12.77 -5.80 -13.33
C VAL A 90 -11.45 -6.47 -12.97
N ALA A 91 -11.15 -7.60 -13.61
CA ALA A 91 -9.88 -8.27 -13.35
C ALA A 91 -8.71 -7.40 -13.80
N CYS A 92 -8.88 -6.66 -14.90
CA CYS A 92 -7.85 -5.72 -15.31
C CYS A 92 -7.62 -4.67 -14.24
N ILE A 93 -8.69 -4.12 -13.67
CA ILE A 93 -8.55 -3.11 -12.62
C ILE A 93 -7.85 -3.71 -11.41
N ALA A 94 -8.25 -4.93 -11.03
CA ALA A 94 -7.65 -5.58 -9.87
C ALA A 94 -6.16 -5.79 -10.08
N TRP A 95 -5.76 -6.25 -11.25
CA TRP A 95 -4.34 -6.46 -11.51
C TRP A 95 -3.60 -5.14 -11.68
N CYS A 96 -4.29 -4.09 -12.11
CA CYS A 96 -3.67 -2.78 -12.16
C CYS A 96 -3.36 -2.27 -10.76
N ILE A 97 -4.28 -2.50 -9.82
CA ILE A 97 -4.00 -2.13 -8.43
C ILE A 97 -2.88 -3.01 -7.87
N GLU A 98 -2.84 -4.27 -8.27
CA GLU A 98 -1.74 -5.14 -7.84
C GLU A 98 -0.40 -4.63 -8.37
N ILE A 99 -0.38 -4.14 -9.61
CA ILE A 99 0.85 -3.57 -10.17
C ILE A 99 1.21 -2.29 -9.44
N LEU A 100 0.22 -1.50 -9.06
CA LEU A 100 0.50 -0.32 -8.25
C LEU A 100 1.13 -0.72 -6.92
N GLN A 101 0.60 -1.77 -6.29
CA GLN A 101 1.20 -2.30 -5.08
C GLN A 101 2.64 -2.72 -5.33
N ALA A 102 2.89 -3.40 -6.46
CA ALA A 102 4.25 -3.86 -6.75
C ALA A 102 5.20 -2.68 -6.94
N SER A 103 4.76 -1.65 -7.64
CA SER A 103 5.61 -0.48 -7.87
C SER A 103 5.92 0.22 -6.55
N PHE A 104 4.91 0.42 -5.71
CA PHE A 104 5.15 1.00 -4.39
C PHE A 104 6.09 0.13 -3.57
N LEU A 105 5.92 -1.20 -3.66
CA LEU A 105 6.73 -2.12 -2.90
C LEU A 105 8.20 -2.03 -3.30
N VAL A 106 8.46 -2.01 -4.61
CA VAL A 106 9.83 -1.90 -5.09
C VAL A 106 10.42 -0.54 -4.72
N ALA A 107 9.62 0.52 -4.82
CA ALA A 107 10.10 1.84 -4.43
C ALA A 107 10.47 1.86 -2.95
N ASP A 108 9.65 1.25 -2.10
CA ASP A 108 9.94 1.21 -0.67
C ASP A 108 11.17 0.36 -0.39
N ASP A 109 11.34 -0.74 -1.13
CA ASP A 109 12.56 -1.53 -0.97
C ASP A 109 13.79 -0.70 -1.29
N ILE A 110 13.72 0.11 -2.36
CA ILE A 110 14.84 0.97 -2.70
C ILE A 110 15.07 2.01 -1.61
N MET A 111 13.99 2.64 -1.13
CA MET A 111 14.12 3.77 -0.22
C MET A 111 14.61 3.33 1.16
N ASP A 112 14.04 2.27 1.70
CA ASP A 112 14.32 1.82 3.06
C ASP A 112 15.53 0.91 3.15
N LYS A 113 16.20 0.64 2.03
CA LYS A 113 17.37 -0.24 2.01
C LYS A 113 17.02 -1.61 2.58
N GLY A 114 15.87 -2.14 2.17
CA GLY A 114 15.44 -3.45 2.63
C GLY A 114 16.21 -4.56 1.95
N GLU A 115 16.08 -5.76 2.52
CA GLU A 115 16.82 -6.94 2.05
C GLU A 115 15.93 -7.98 1.41
N THR A 116 14.86 -8.40 2.09
CA THR A 116 13.97 -9.42 1.59
C THR A 116 12.54 -8.88 1.54
N ARG A 117 11.86 -9.15 0.43
CA ARG A 117 10.46 -8.82 0.26
C ARG A 117 9.73 -10.06 -0.25
N ARG A 118 8.63 -10.40 0.40
CA ARG A 118 7.91 -11.65 0.11
C ARG A 118 8.85 -12.85 0.22
N ASN A 119 9.76 -12.80 1.21
CA ASN A 119 10.68 -13.89 1.49
C ASN A 119 11.59 -14.20 0.31
N LYS A 120 11.92 -13.18 -0.49
CA LYS A 120 12.90 -13.32 -1.55
C LYS A 120 13.64 -12.00 -1.72
N HIS A 121 14.79 -12.06 -2.38
CA HIS A 121 15.63 -10.87 -2.53
C HIS A 121 14.87 -9.76 -3.21
N CYS A 122 15.09 -8.54 -2.75
CA CYS A 122 14.43 -7.38 -3.34
C CYS A 122 14.86 -7.20 -4.79
N TRP A 123 13.94 -6.70 -5.61
CA TRP A 123 14.19 -6.59 -7.04
C TRP A 123 15.46 -5.80 -7.32
N TYR A 124 15.73 -4.76 -6.52
CA TYR A 124 16.90 -3.92 -6.74
C TYR A 124 18.19 -4.56 -6.24
N LEU A 125 18.11 -5.67 -5.51
CA LEU A 125 19.28 -6.35 -5.00
C LEU A 125 19.81 -7.44 -5.92
N LEU A 126 19.06 -7.82 -6.95
CA LEU A 126 19.48 -8.90 -7.82
C LEU A 126 20.72 -8.50 -8.61
N LYS A 127 21.54 -9.52 -8.95
CA LYS A 127 22.74 -9.27 -9.74
C LYS A 127 22.40 -8.58 -11.06
N ASP A 128 21.35 -9.06 -11.74
CA ASP A 128 20.96 -8.51 -13.02
C ASP A 128 20.10 -7.26 -12.91
N VAL A 129 19.74 -6.85 -11.70
CA VAL A 129 18.91 -5.67 -11.48
C VAL A 129 19.45 -4.87 -10.32
N GLU A 130 20.16 -3.78 -10.61
CA GLU A 130 20.61 -2.87 -9.58
C GLU A 130 19.55 -1.77 -9.38
N ILE A 131 19.89 -0.75 -8.61
CA ILE A 131 18.99 0.39 -8.44
C ILE A 131 18.69 1.03 -9.79
N LYS A 132 19.71 1.10 -10.65
CA LYS A 132 19.53 1.70 -11.97
C LYS A 132 18.37 1.06 -12.71
N ASN A 133 18.30 -0.27 -12.70
CA ASN A 133 17.18 -0.95 -13.34
C ASN A 133 15.91 -0.85 -12.52
N ALA A 134 16.03 -0.83 -11.19
CA ALA A 134 14.84 -0.84 -10.34
C ALA A 134 14.00 0.42 -10.52
N VAL A 135 14.66 1.58 -10.62
CA VAL A 135 13.90 2.83 -10.81
C VAL A 135 13.14 2.79 -12.13
N ASN A 136 13.84 2.44 -13.21
CA ASN A 136 13.22 2.41 -14.53
C ASN A 136 12.07 1.40 -14.55
N ASP A 137 12.25 0.26 -13.88
CA ASP A 137 11.21 -0.76 -13.86
C ASP A 137 9.99 -0.32 -13.06
N VAL A 138 10.20 0.39 -11.94
CA VAL A 138 9.06 0.89 -11.19
C VAL A 138 8.26 1.86 -12.04
N PHE A 139 8.96 2.75 -12.75
CA PHE A 139 8.23 3.66 -13.63
C PHE A 139 7.52 2.91 -14.75
N LEU A 140 8.15 1.84 -15.27
CA LEU A 140 7.50 1.03 -16.29
C LEU A 140 6.20 0.43 -15.76
N LEU A 141 6.25 -0.12 -14.54
CA LEU A 141 5.04 -0.71 -13.95
C LEU A 141 3.96 0.34 -13.76
N TYR A 142 4.36 1.52 -13.27
CA TYR A 142 3.38 2.59 -13.05
C TYR A 142 2.71 2.99 -14.36
N ASN A 143 3.49 3.09 -15.43
CA ASN A 143 2.89 3.41 -16.74
C ASN A 143 2.06 2.25 -17.27
N ALA A 144 2.48 1.01 -17.01
CA ALA A 144 1.72 -0.15 -17.49
C ALA A 144 0.33 -0.18 -16.87
N ILE A 145 0.22 0.27 -15.62
CA ILE A 145 -1.11 0.36 -14.99
C ILE A 145 -2.07 1.12 -15.91
N TYR A 146 -1.72 2.37 -16.22
CA TYR A 146 -2.59 3.19 -17.04
C TYR A 146 -2.66 2.69 -18.47
N LYS A 147 -1.62 2.01 -18.96
CA LYS A 147 -1.69 1.41 -20.28
C LYS A 147 -2.80 0.39 -20.35
N LEU A 148 -2.83 -0.55 -19.40
CA LEU A 148 -3.88 -1.55 -19.37
C LEU A 148 -5.25 -0.91 -19.15
N LEU A 149 -5.32 0.08 -18.26
CA LEU A 149 -6.61 0.75 -18.04
C LEU A 149 -7.12 1.36 -19.34
N ASP A 150 -6.24 2.02 -20.09
CA ASP A 150 -6.64 2.58 -21.39
C ASP A 150 -7.07 1.48 -22.34
N VAL A 151 -6.33 0.38 -22.37
CA VAL A 151 -6.61 -0.69 -23.32
C VAL A 151 -7.98 -1.29 -23.07
N TYR A 152 -8.35 -1.46 -21.80
CA TYR A 152 -9.54 -2.24 -21.46
C TYR A 152 -10.76 -1.40 -21.13
N LEU A 153 -10.60 -0.15 -20.72
CA LEU A 153 -11.72 0.62 -20.18
C LEU A 153 -11.84 2.03 -20.75
N ARG A 154 -11.13 2.36 -21.82
CA ARG A 154 -11.24 3.72 -22.33
C ARG A 154 -12.67 4.03 -22.74
N ASN A 155 -13.34 3.07 -23.37
CA ASN A 155 -14.71 3.29 -23.82
C ASN A 155 -15.74 3.25 -22.70
N ASP A 156 -15.38 2.71 -21.54
CA ASP A 156 -16.31 2.65 -20.43
C ASP A 156 -16.56 4.05 -19.87
N ASN A 157 -17.78 4.26 -19.36
CA ASN A 157 -18.18 5.59 -18.92
C ASN A 157 -17.39 6.08 -17.72
N CYS A 158 -16.68 5.20 -17.02
CA CYS A 158 -15.95 5.55 -15.81
C CYS A 158 -14.43 5.56 -16.01
N TYR A 159 -13.97 5.71 -17.25
CA TYR A 159 -12.54 5.67 -17.53
C TYR A 159 -11.82 6.81 -16.81
N LEU A 160 -12.31 8.04 -16.98
CA LEU A 160 -11.67 9.18 -16.34
C LEU A 160 -11.74 9.08 -14.83
N ASP A 161 -12.89 8.66 -14.31
CA ASP A 161 -13.01 8.49 -12.86
C ASP A 161 -11.97 7.51 -12.34
N LEU A 162 -11.78 6.40 -13.02
CA LEU A 162 -10.83 5.40 -12.56
C LEU A 162 -9.40 5.91 -12.63
N ILE A 163 -9.01 6.51 -13.76
CA ILE A 163 -7.63 6.97 -13.87
C ILE A 163 -7.35 8.08 -12.87
N THR A 164 -8.34 8.94 -12.61
CA THR A 164 -8.13 9.99 -11.63
C THR A 164 -8.11 9.45 -10.20
N SER A 165 -8.89 8.40 -9.93
CA SER A 165 -8.78 7.74 -8.64
C SER A 165 -7.38 7.18 -8.43
N PHE A 166 -6.83 6.55 -9.46
CA PHE A 166 -5.46 6.07 -9.37
C PHE A 166 -4.48 7.23 -9.16
N ARG A 167 -4.67 8.33 -9.89
CA ARG A 167 -3.81 9.50 -9.72
C ARG A 167 -3.80 9.95 -8.26
N GLU A 168 -4.98 10.16 -7.68
CA GLU A 168 -5.06 10.69 -6.33
C GLU A 168 -4.53 9.70 -5.31
N ALA A 169 -4.85 8.42 -5.46
CA ALA A 169 -4.33 7.42 -4.52
C ALA A 169 -2.81 7.40 -4.57
N THR A 170 -2.23 7.44 -5.76
CA THR A 170 -0.78 7.46 -5.87
C THR A 170 -0.18 8.72 -5.26
N LEU A 171 -0.80 9.87 -5.50
CA LEU A 171 -0.27 11.11 -4.94
C LEU A 171 -0.28 11.06 -3.41
N LYS A 172 -1.39 10.63 -2.83
CA LYS A 172 -1.47 10.56 -1.38
C LYS A 172 -0.49 9.54 -0.82
N THR A 173 -0.33 8.40 -1.50
CA THR A 173 0.64 7.42 -1.05
C THR A 173 2.06 7.97 -1.13
N ILE A 174 2.37 8.74 -2.18
CA ILE A 174 3.68 9.34 -2.31
C ILE A 174 3.94 10.33 -1.18
N VAL A 175 2.94 11.18 -0.88
CA VAL A 175 3.10 12.13 0.21
C VAL A 175 3.28 11.40 1.54
N GLY A 176 2.51 10.33 1.76
CA GLY A 176 2.64 9.57 2.97
C GLY A 176 4.00 8.91 3.11
N GLN A 177 4.52 8.37 2.01
CA GLN A 177 5.86 7.79 2.04
C GLN A 177 6.91 8.84 2.33
N HIS A 178 6.78 10.02 1.71
CA HIS A 178 7.70 11.12 2.00
C HIS A 178 7.68 11.46 3.49
N LEU A 179 6.49 11.56 4.07
CA LEU A 179 6.39 11.85 5.50
C LEU A 179 7.02 10.74 6.33
N ASP A 180 6.68 9.49 6.02
CA ASP A 180 7.22 8.36 6.78
C ASP A 180 8.74 8.31 6.70
N THR A 181 9.32 8.88 5.64
CA THR A 181 10.76 8.82 5.46
C THR A 181 11.49 10.00 6.09
N ASN A 182 10.93 11.20 6.02
CA ASN A 182 11.71 12.42 6.31
C ASN A 182 11.22 13.19 7.53
N ILE A 183 10.31 12.66 8.34
CA ILE A 183 9.74 13.45 9.42
C ILE A 183 10.77 13.69 10.52
N PHE A 184 11.60 12.69 10.83
CA PHE A 184 12.62 12.86 11.86
C PHE A 184 13.89 13.52 11.33
N SER A 185 13.98 13.78 10.03
CA SER A 185 15.20 14.34 9.48
C SER A 185 15.44 15.75 10.03
N ASP A 186 16.64 16.27 9.74
CA ASP A 186 17.00 17.61 10.22
C ASP A 186 16.10 18.68 9.59
N LYS A 187 15.76 18.52 8.30
CA LYS A 187 14.99 19.55 7.62
C LYS A 187 13.64 19.77 8.28
N TYR A 188 12.99 18.68 8.73
CA TYR A 188 11.68 18.78 9.33
C TYR A 188 11.70 19.43 10.71
N SER A 189 12.88 19.72 11.25
CA SER A 189 13.00 20.32 12.56
C SER A 189 13.20 21.83 12.43
N HIS A 190 12.36 22.59 13.13
CA HIS A 190 12.46 24.04 13.33
C HIS A 190 11.97 24.86 12.15
N ILE A 191 11.44 24.25 11.10
CA ILE A 191 10.86 25.02 9.99
C ILE A 191 11.90 25.96 9.40
N ASP A 194 13.99 26.68 5.64
CA ASP A 194 14.85 26.53 4.47
C ASP A 194 15.58 25.20 4.52
N ILE A 195 16.20 24.83 3.40
CA ILE A 195 16.89 23.56 3.24
C ILE A 195 18.34 23.82 2.89
N ASP A 196 19.25 23.02 3.46
CA ASP A 196 20.68 23.15 3.21
C ASP A 196 21.01 22.40 1.92
N VAL A 197 21.12 23.14 0.82
CA VAL A 197 21.47 22.55 -0.46
C VAL A 197 23.00 22.46 -0.58
N LYS A 207 18.30 11.17 13.66
CA LYS A 207 17.96 11.92 14.88
C LYS A 207 16.45 12.03 15.03
N ILE A 208 15.95 11.68 16.22
CA ILE A 208 14.52 11.69 16.47
C ILE A 208 14.08 13.11 16.79
N ASN A 209 13.04 13.58 16.08
CA ASN A 209 12.41 14.86 16.37
C ASN A 209 11.25 14.60 17.34
N ILE A 210 11.41 15.02 18.59
CA ILE A 210 10.47 14.61 19.63
C ILE A 210 9.07 15.13 19.33
N ASN A 211 8.96 16.40 18.96
CA ASN A 211 7.64 16.97 18.73
C ASN A 211 6.91 16.27 17.59
N MET A 212 7.63 15.57 16.71
CA MET A 212 7.00 14.92 15.56
C MET A 212 6.27 13.64 15.96
N LEU A 213 6.75 12.92 16.98
CA LEU A 213 6.15 11.65 17.36
C LEU A 213 4.91 11.93 18.21
N ASN A 214 3.74 11.74 17.63
CA ASN A 214 2.46 11.88 18.32
C ASN A 214 1.40 11.23 17.44
N PHE A 215 0.22 11.03 18.01
CA PHE A 215 -0.81 10.26 17.32
C PHE A 215 -1.37 10.99 16.11
N LYS A 216 -1.36 12.32 16.11
CA LYS A 216 -1.91 13.07 14.98
C LYS A 216 -0.99 12.94 13.76
N VAL A 217 0.31 13.13 13.95
CA VAL A 217 1.25 12.97 12.85
C VAL A 217 1.24 11.53 12.35
N TYR A 218 1.17 10.57 13.27
CA TYR A 218 1.08 9.17 12.88
C TYR A 218 -0.16 8.89 12.05
N GLN A 219 -1.30 9.45 12.46
CA GLN A 219 -2.53 9.29 11.70
C GLN A 219 -2.38 9.88 10.29
N ASN A 220 -1.80 11.08 10.19
CA ASN A 220 -1.56 11.67 8.88
C ASN A 220 -0.73 10.74 8.01
N ILE A 221 0.40 10.28 8.55
CA ILE A 221 1.32 9.45 7.78
C ILE A 221 0.60 8.20 7.29
N ILE A 222 -0.10 7.51 8.19
CA ILE A 222 -0.75 6.26 7.81
C ILE A 222 -1.82 6.52 6.76
N ILE A 223 -2.69 7.50 7.03
CA ILE A 223 -3.84 7.72 6.16
C ILE A 223 -3.38 8.01 4.75
N HIS A 224 -2.41 8.91 4.60
CA HIS A 224 -1.94 9.23 3.25
C HIS A 224 -1.12 8.11 2.65
N LYS A 225 -0.31 7.43 3.48
CA LYS A 225 0.62 6.43 2.98
C LYS A 225 -0.09 5.16 2.55
N THR A 226 -1.03 4.68 3.36
CA THR A 226 -1.59 3.34 3.19
C THR A 226 -3.09 3.35 2.92
N ALA A 227 -3.85 4.14 3.68
CA ALA A 227 -5.31 3.98 3.69
C ALA A 227 -5.89 4.10 2.30
N TYR A 228 -5.44 5.08 1.51
CA TYR A 228 -6.11 5.38 0.25
C TYR A 228 -5.85 4.31 -0.79
N TYR A 229 -4.58 4.09 -1.14
CA TYR A 229 -4.30 3.13 -2.21
C TYR A 229 -4.68 1.71 -1.80
N SER A 230 -4.53 1.37 -0.51
CA SER A 230 -4.83 0.01 -0.08
C SER A 230 -6.32 -0.26 0.01
N PHE A 231 -7.09 0.70 0.54
CA PHE A 231 -8.49 0.47 0.85
C PHE A 231 -9.44 1.36 0.05
N PHE A 232 -9.25 2.68 0.07
CA PHE A 232 -10.18 3.57 -0.60
C PHE A 232 -10.20 3.30 -2.11
N LEU A 233 -9.02 3.18 -2.72
CA LEU A 233 -8.96 3.02 -4.17
C LEU A 233 -9.69 1.78 -4.66
N PRO A 234 -9.42 0.58 -4.13
CA PRO A 234 -10.16 -0.60 -4.62
C PRO A 234 -11.65 -0.51 -4.41
N ILE A 235 -12.09 0.01 -3.26
CA ILE A 235 -13.52 0.14 -3.00
C ILE A 235 -14.15 1.09 -4.00
N VAL A 236 -13.49 2.23 -4.25
CA VAL A 236 -14.02 3.21 -5.19
C VAL A 236 -14.10 2.61 -6.58
N CYS A 237 -13.07 1.87 -6.99
CA CYS A 237 -13.11 1.25 -8.31
C CYS A 237 -14.28 0.29 -8.42
N GLY A 238 -14.46 -0.57 -7.42
CA GLY A 238 -15.58 -1.50 -7.44
C GLY A 238 -16.90 -0.79 -7.53
N MET A 239 -17.09 0.23 -6.70
CA MET A 239 -18.36 0.96 -6.69
C MET A 239 -18.62 1.65 -8.03
N GLN A 240 -17.61 2.34 -8.56
CA GLN A 240 -17.79 3.04 -9.82
C GLN A 240 -18.11 2.08 -10.95
N MET A 241 -17.41 0.95 -11.01
CA MET A 241 -17.71 -0.04 -12.05
C MET A 241 -19.09 -0.64 -11.83
N GLY A 242 -19.56 -0.71 -10.59
CA GLY A 242 -20.88 -1.25 -10.32
C GLY A 242 -22.02 -0.35 -10.76
N GLY A 243 -21.74 0.92 -11.00
CA GLY A 243 -22.75 1.86 -11.43
C GLY A 243 -23.14 2.91 -10.41
N ILE A 244 -22.42 3.01 -9.29
CA ILE A 244 -22.72 4.04 -8.29
C ILE A 244 -22.25 5.38 -8.81
N SER A 245 -23.14 6.37 -8.78
CA SER A 245 -22.78 7.71 -9.23
C SER A 245 -21.80 8.35 -8.26
N LEU A 246 -20.92 9.21 -8.80
CA LEU A 246 -19.84 9.76 -8.01
C LEU A 246 -20.36 10.61 -6.86
N ASP A 247 -21.38 11.44 -7.11
CA ASP A 247 -21.89 12.35 -6.09
C ASP A 247 -22.63 11.64 -4.97
N ASN A 248 -22.72 10.31 -4.98
CA ASN A 248 -23.38 9.59 -3.92
C ASN A 248 -22.62 9.77 -2.60
N LEU A 249 -23.38 9.92 -1.51
CA LEU A 249 -22.77 10.17 -0.21
C LEU A 249 -21.90 9.00 0.25
N LEU A 250 -22.14 7.80 -0.27
CA LEU A 250 -21.32 6.65 0.11
C LEU A 250 -19.84 6.96 -0.06
N TYR A 251 -19.48 7.61 -1.17
CA TYR A 251 -18.07 7.86 -1.47
C TYR A 251 -17.38 8.68 -0.39
N LYS A 252 -18.11 9.24 0.57
CA LYS A 252 -17.48 9.84 1.74
C LYS A 252 -17.48 8.89 2.93
N LYS A 253 -18.63 8.27 3.23
CA LYS A 253 -18.65 7.27 4.29
C LYS A 253 -17.56 6.23 4.06
N VAL A 254 -17.53 5.68 2.84
CA VAL A 254 -16.50 4.71 2.48
C VAL A 254 -15.12 5.27 2.80
N GLU A 255 -14.87 6.52 2.38
CA GLU A 255 -13.59 7.13 2.64
C GLU A 255 -13.23 7.01 4.11
N ASN A 256 -14.15 7.44 4.99
CA ASN A 256 -13.88 7.34 6.42
C ASN A 256 -13.52 5.92 6.79
N ILE A 257 -14.35 4.95 6.37
CA ILE A 257 -14.07 3.56 6.70
C ILE A 257 -12.67 3.21 6.22
N ALA A 258 -12.35 3.54 4.97
CA ALA A 258 -11.02 3.23 4.46
C ALA A 258 -9.97 3.78 5.42
N ILE A 259 -10.09 5.05 5.77
CA ILE A 259 -9.15 5.65 6.71
C ILE A 259 -8.99 4.75 7.92
N LEU A 260 -10.10 4.48 8.61
CA LEU A 260 -10.02 3.66 9.81
C LEU A 260 -9.31 2.36 9.50
N MET A 261 -9.78 1.64 8.48
CA MET A 261 -9.16 0.37 8.14
C MET A 261 -7.67 0.56 7.92
N GLY A 262 -7.30 1.52 7.08
CA GLY A 262 -5.91 1.81 6.86
C GLY A 262 -5.20 1.88 8.19
N GLU A 263 -5.63 2.83 9.01
CA GLU A 263 -5.06 2.98 10.35
C GLU A 263 -4.87 1.60 10.98
N TYR A 264 -6.00 0.91 11.19
CA TYR A 264 -5.97 -0.42 11.79
C TYR A 264 -4.83 -1.24 11.22
N PHE A 265 -4.89 -1.54 9.93
CA PHE A 265 -3.95 -2.49 9.36
C PHE A 265 -2.53 -1.98 9.47
N GLN A 266 -2.31 -0.68 9.25
CA GLN A 266 -0.94 -0.18 9.33
C GLN A 266 -0.39 -0.40 10.73
N VAL A 267 -1.18 -0.12 11.76
CA VAL A 267 -0.74 -0.40 13.12
C VAL A 267 -0.39 -1.88 13.24
N HIS A 268 -1.29 -2.74 12.76
CA HIS A 268 -1.00 -4.17 12.75
C HIS A 268 0.34 -4.43 12.10
N ASP A 269 0.58 -3.81 10.93
CA ASP A 269 1.84 -4.01 10.23
C ASP A 269 3.01 -3.67 11.15
N ASP A 270 2.95 -2.51 11.81
CA ASP A 270 4.02 -2.14 12.72
C ASP A 270 4.15 -3.15 13.84
N TYR A 271 3.01 -3.61 14.38
CA TYR A 271 3.06 -4.64 15.41
C TYR A 271 3.80 -5.87 14.93
N ILE A 272 3.64 -6.21 13.65
CA ILE A 272 4.38 -7.34 13.10
C ILE A 272 5.87 -7.01 13.02
N ASP A 273 6.20 -5.79 12.61
CA ASP A 273 7.60 -5.42 12.42
C ASP A 273 8.37 -5.52 13.73
N THR A 274 7.81 -4.95 14.81
CA THR A 274 8.46 -4.99 16.11
C THR A 274 8.21 -6.28 16.86
N PHE A 275 7.23 -7.08 16.44
CA PHE A 275 6.89 -8.33 17.12
C PHE A 275 6.64 -8.09 18.61
N SER A 286 12.24 -3.81 10.49
CA SER A 286 13.44 -2.99 10.66
C SER A 286 13.09 -1.51 10.73
N ASP A 287 11.93 -1.21 11.32
CA ASP A 287 11.53 0.19 11.47
C ASP A 287 12.51 0.96 12.34
N ILE A 288 12.99 0.32 13.41
CA ILE A 288 13.93 0.97 14.31
C ILE A 288 15.25 1.26 13.59
N GLN A 289 15.71 0.32 12.76
CA GLN A 289 16.97 0.52 12.03
C GLN A 289 16.89 1.76 11.16
N ASN A 290 15.79 1.94 10.44
CA ASN A 290 15.62 3.06 9.53
C ASN A 290 15.00 4.28 10.21
N ASN A 291 14.79 4.23 11.52
CA ASN A 291 14.30 5.37 12.28
C ASN A 291 12.91 5.80 11.77
N LYS A 292 12.00 4.85 11.75
CA LYS A 292 10.63 5.07 11.31
C LYS A 292 9.73 5.36 12.50
N LEU A 293 8.86 6.35 12.35
CA LEU A 293 7.86 6.64 13.37
C LEU A 293 6.82 5.52 13.38
N THR A 294 6.75 4.79 14.48
CA THR A 294 5.91 3.62 14.59
C THR A 294 5.02 3.71 15.81
N TRP A 295 3.90 2.98 15.77
CA TRP A 295 2.99 2.95 16.91
C TRP A 295 3.68 2.50 18.19
N PRO A 296 4.46 1.42 18.20
CA PRO A 296 5.16 1.06 19.45
C PRO A 296 6.04 2.17 19.98
N LEU A 297 6.73 2.89 19.10
CA LEU A 297 7.58 4.00 19.56
C LEU A 297 6.77 5.05 20.29
N ILE A 298 5.66 5.48 19.67
CA ILE A 298 4.85 6.54 20.27
C ILE A 298 4.28 6.08 21.61
N LYS A 299 3.79 4.84 21.68
CA LYS A 299 3.15 4.39 22.91
C LYS A 299 4.19 4.15 24.00
N ALA A 300 5.37 3.65 23.65
CA ALA A 300 6.44 3.54 24.63
C ALA A 300 6.84 4.91 25.16
N PHE A 301 6.94 5.89 24.27
CA PHE A 301 7.26 7.25 24.72
C PHE A 301 6.20 7.78 25.66
N GLU A 302 4.92 7.55 25.33
CA GLU A 302 3.85 8.02 26.20
C GLU A 302 3.91 7.34 27.57
N LEU A 303 4.17 6.03 27.59
CA LEU A 303 4.11 5.28 28.83
C LEU A 303 5.39 5.38 29.65
N CYS A 304 6.54 5.51 29.00
CA CYS A 304 7.81 5.41 29.70
C CYS A 304 8.18 6.74 30.38
N SER A 305 9.06 6.63 31.37
CA SER A 305 9.53 7.78 32.11
C SER A 305 10.57 8.55 31.29
N GLN A 306 10.91 9.73 31.78
CA GLN A 306 11.85 10.59 31.06
C GLN A 306 13.21 9.92 30.83
N PRO A 307 13.82 9.25 31.82
CA PRO A 307 15.08 8.55 31.52
C PRO A 307 14.93 7.53 30.40
N GLU A 308 13.81 6.83 30.35
CA GLU A 308 13.58 5.88 29.27
C GLU A 308 13.33 6.59 27.95
N LYS A 309 12.72 7.77 27.98
CA LYS A 309 12.62 8.56 26.76
C LYS A 309 14.00 8.91 26.22
N GLU A 310 14.90 9.33 27.12
CA GLU A 310 16.27 9.63 26.70
C GLU A 310 16.96 8.38 26.16
N ASP A 311 16.74 7.24 26.82
CA ASP A 311 17.35 6.00 26.34
C ASP A 311 16.84 5.65 24.94
N ILE A 312 15.53 5.81 24.71
CA ILE A 312 14.99 5.54 23.38
C ILE A 312 15.61 6.47 22.36
N ILE A 313 15.73 7.75 22.70
CA ILE A 313 16.35 8.70 21.77
C ILE A 313 17.78 8.30 21.47
N ARG A 314 18.51 7.85 22.48
CA ARG A 314 19.91 7.45 22.28
C ARG A 314 20.05 6.19 21.44
N ASN A 315 18.97 5.44 21.26
CA ASN A 315 19.01 4.19 20.50
C ASN A 315 18.14 4.27 19.26
N LYS A 318 18.95 3.54 14.07
CA LYS A 318 20.37 3.23 14.17
C LYS A 318 20.64 1.80 13.69
N ASP A 319 21.72 1.63 12.92
CA ASP A 319 22.10 0.32 12.40
C ASP A 319 23.08 -0.35 13.36
N ASN A 320 22.56 -0.72 14.52
CA ASN A 320 23.36 -1.39 15.55
C ASN A 320 22.44 -2.32 16.32
N VAL A 321 22.87 -3.58 16.48
CA VAL A 321 22.02 -4.58 17.10
C VAL A 321 21.71 -4.22 18.54
N THR A 322 22.71 -3.72 19.28
CA THR A 322 22.52 -3.44 20.70
C THR A 322 21.42 -2.40 20.91
N CYS A 323 21.42 -1.33 20.10
CA CYS A 323 20.37 -0.32 20.21
C CYS A 323 19.00 -0.90 19.90
N ILE A 324 18.92 -1.75 18.88
CA ILE A 324 17.64 -2.35 18.51
C ILE A 324 17.10 -3.21 19.64
N LYS A 325 17.97 -4.02 20.25
CA LYS A 325 17.53 -4.85 21.36
C LYS A 325 17.19 -4.03 22.58
N PHE A 326 17.89 -2.90 22.79
CA PHE A 326 17.53 -2.01 23.89
C PHE A 326 16.12 -1.48 23.70
N ILE A 327 15.79 -1.05 22.48
CA ILE A 327 14.45 -0.53 22.22
C ILE A 327 13.41 -1.64 22.31
N ASN A 328 13.75 -2.85 21.87
CA ASN A 328 12.83 -3.96 22.00
C ASN A 328 12.56 -4.28 23.47
N ASP A 329 13.60 -4.23 24.31
CA ASP A 329 13.41 -4.44 25.73
C ASP A 329 12.55 -3.34 26.34
N ILE A 330 12.74 -2.10 25.90
CA ILE A 330 11.89 -1.01 26.38
C ILE A 330 10.43 -1.28 26.00
N TYR A 331 10.19 -1.71 24.76
CA TYR A 331 8.84 -2.05 24.35
C TYR A 331 8.26 -3.16 25.20
N GLU A 332 9.05 -4.21 25.46
CA GLU A 332 8.56 -5.36 26.19
C GLU A 332 8.39 -5.09 27.68
N HIS A 333 9.04 -4.05 28.21
CA HIS A 333 8.90 -3.73 29.63
C HIS A 333 7.49 -3.22 29.93
N TYR A 334 7.05 -2.19 29.22
CA TYR A 334 5.71 -1.64 29.39
C TYR A 334 4.65 -2.45 28.63
N ASN A 335 5.04 -3.56 28.00
CA ASN A 335 4.11 -4.47 27.36
C ASN A 335 3.20 -3.73 26.39
N ILE A 336 3.83 -3.10 25.40
CA ILE A 336 3.05 -2.44 24.34
C ILE A 336 2.33 -3.46 23.48
N ARG A 337 2.78 -4.73 23.52
CA ARG A 337 2.17 -5.76 22.70
C ARG A 337 0.73 -6.05 23.08
N ASP A 338 0.33 -5.75 24.32
CA ASP A 338 -1.05 -5.87 24.73
C ASP A 338 -1.84 -4.59 24.49
N HIS A 339 -1.17 -3.43 24.57
CA HIS A 339 -1.80 -2.20 24.13
C HIS A 339 -2.21 -2.31 22.67
N TYR A 340 -1.42 -3.01 21.86
CA TYR A 340 -1.83 -3.23 20.48
C TYR A 340 -3.11 -4.05 20.42
N VAL A 341 -3.26 -5.05 21.30
CA VAL A 341 -4.48 -5.85 21.32
C VAL A 341 -5.67 -4.97 21.67
N GLU A 342 -5.51 -4.12 22.68
CA GLU A 342 -6.59 -3.21 23.04
C GLU A 342 -6.93 -2.28 21.88
N TYR A 343 -5.91 -1.75 21.21
CA TYR A 343 -6.14 -0.89 20.06
C TYR A 343 -6.85 -1.65 18.95
N GLU A 344 -6.45 -2.90 18.72
CA GLU A 344 -7.11 -3.72 17.70
C GLU A 344 -8.59 -3.85 18.01
N LYS A 345 -8.92 -4.18 19.26
CA LYS A 345 -10.32 -4.30 19.64
C LYS A 345 -11.08 -3.02 19.38
N LYS A 346 -10.55 -1.89 19.88
CA LYS A 346 -11.27 -0.63 19.77
C LYS A 346 -11.42 -0.19 18.31
N GLN A 347 -10.34 -0.30 17.54
CA GLN A 347 -10.39 0.11 16.14
C GLN A 347 -11.32 -0.78 15.34
N LYS A 348 -11.33 -2.08 15.60
CA LYS A 348 -12.27 -2.97 14.93
C LYS A 348 -13.71 -2.60 15.30
N MET A 349 -13.94 -2.26 16.55
CA MET A 349 -15.28 -1.81 16.96
C MET A 349 -15.70 -0.58 16.17
N LYS A 350 -14.81 0.41 16.08
CA LYS A 350 -15.16 1.64 15.36
C LYS A 350 -15.38 1.35 13.89
N ILE A 351 -14.56 0.50 13.29
CA ILE A 351 -14.71 0.15 11.88
C ILE A 351 -16.05 -0.52 11.64
N LEU A 352 -16.43 -1.47 12.51
CA LEU A 352 -17.70 -2.15 12.34
C LEU A 352 -18.87 -1.19 12.55
N GLU A 353 -18.74 -0.26 13.49
CA GLU A 353 -19.77 0.75 13.66
C GLU A 353 -19.94 1.58 12.39
N ALA A 354 -18.83 1.99 11.78
CA ALA A 354 -18.90 2.74 10.54
C ALA A 354 -19.54 1.88 9.43
N ILE A 355 -19.16 0.61 9.36
CA ILE A 355 -19.68 -0.27 8.32
C ILE A 355 -21.19 -0.42 8.45
N ASN A 356 -21.68 -0.60 9.68
CA ASN A 356 -23.12 -0.69 9.88
C ASN A 356 -23.82 0.60 9.49
N GLN A 357 -23.12 1.73 9.51
CA GLN A 357 -23.68 3.00 9.08
C GLN A 357 -23.61 3.22 7.58
N LEU A 358 -22.97 2.31 6.84
CA LEU A 358 -22.91 2.44 5.38
C LEU A 358 -24.30 2.34 4.76
N HIS A 359 -25.12 1.40 5.25
CA HIS A 359 -26.45 1.17 4.71
C HIS A 359 -26.37 0.70 3.26
N HIS A 360 -25.56 -0.33 3.04
CA HIS A 360 -25.47 -1.00 1.75
C HIS A 360 -25.06 -2.44 2.02
N GLU A 361 -25.92 -3.39 1.64
CA GLU A 361 -25.76 -4.77 2.09
C GLU A 361 -24.45 -5.37 1.59
N GLY A 362 -24.20 -5.30 0.27
CA GLY A 362 -23.06 -6.00 -0.29
C GLY A 362 -21.73 -5.44 0.20
N ILE A 363 -21.60 -4.11 0.18
CA ILE A 363 -20.35 -3.50 0.61
C ILE A 363 -20.11 -3.78 2.09
N GLU A 364 -21.19 -3.73 2.89
CA GLU A 364 -21.05 -4.05 4.30
C GLU A 364 -20.54 -5.47 4.50
N TYR A 365 -21.11 -6.44 3.76
CA TYR A 365 -20.63 -7.80 3.89
C TYR A 365 -19.17 -7.92 3.47
N VAL A 366 -18.79 -7.27 2.38
CA VAL A 366 -17.42 -7.39 1.89
C VAL A 366 -16.45 -6.83 2.93
N LEU A 367 -16.76 -5.66 3.49
CA LEU A 367 -15.87 -5.05 4.46
C LEU A 367 -15.82 -5.84 5.76
N LYS A 368 -16.96 -6.41 6.19
CA LYS A 368 -16.95 -7.26 7.38
C LYS A 368 -16.08 -8.49 7.15
N TYR A 369 -16.16 -9.08 5.96
CA TYR A 369 -15.29 -10.20 5.63
C TYR A 369 -13.83 -9.79 5.68
N VAL A 370 -13.51 -8.63 5.10
CA VAL A 370 -12.12 -8.17 5.10
C VAL A 370 -11.62 -8.00 6.52
N MET A 371 -12.43 -7.39 7.39
CA MET A 371 -12.03 -7.23 8.78
C MET A 371 -11.88 -8.58 9.47
N ASP A 372 -12.76 -9.52 9.17
CA ASP A 372 -12.62 -10.86 9.74
C ASP A 372 -11.35 -11.57 9.28
N ILE A 373 -10.79 -11.17 8.14
CA ILE A 373 -9.52 -11.75 7.71
C ILE A 373 -8.44 -11.45 8.73
N LEU A 374 -8.36 -10.21 9.20
CA LEU A 374 -7.30 -9.77 10.09
C LEU A 374 -5.93 -10.01 9.45
C15 A1B0W B . 2.00 -1.27 3.41
C20 A1B0W B . 4.15 2.91 0.08
C21 A1B0W B . 5.40 2.04 0.24
C22 A1B0W B . 5.14 0.59 0.65
C26 A1B0W B . -4.35 -4.43 3.28
C02 A1B0W B . -7.71 -5.32 1.50
C03 A1B0W B . -6.35 -6.58 3.31
C04 A1B0W B . -5.20 -6.68 4.19
C05 A1B0W B . -5.09 -7.82 5.03
C06 A1B0W B . -6.02 -8.84 5.07
C07 A1B0W B . -7.13 -8.75 4.22
C08 A1B0W B . -7.29 -7.67 3.38
C09 A1B0W B . -4.26 -5.52 4.07
C11 A1B0W B . -2.26 -3.86 4.35
C12 A1B0W B . -0.93 -3.23 4.88
C14 A1B0W B . 0.97 -1.44 4.56
C16 A1B0W B . 2.66 0.09 3.52
C18 A1B0W B . 2.61 1.86 1.85
C19 A1B0W B . 2.83 2.22 0.40
C23 A1B0W B . 4.62 0.38 2.08
C25 A1B0W B . -3.20 -3.50 3.45
C27 A1B0W B . -5.55 -4.32 2.35
N01 A1B0W B . -6.51 -5.45 2.43
N13 A1B0W B . -0.26 -2.14 4.22
N17 A1B0W B . 3.14 0.47 2.10
O24 A1B0W B . -0.42 -3.67 5.86
O28 A1B0W B . -5.76 -3.42 1.59
S10 A1B0W B . -2.79 -5.39 5.02
#